data_6NVK
#
_entry.id   6NVK
#
_cell.length_a   63.494
_cell.length_b   63.494
_cell.length_c   181.997
_cell.angle_alpha   90.00
_cell.angle_beta   90.00
_cell.angle_gamma   90.00
#
_symmetry.space_group_name_H-M   'P 43 21 2'
#
loop_
_entity.id
_entity.type
_entity.pdbx_description
1 polymer 'Fibroblast growth factor receptor 4'
2 non-polymer 'SULFATE ION'
3 non-polymer N-[(3S,4S)-3-{[6-(2,6-dichloro-3,5-dimethoxyphenyl)quinazolin-2-yl]amino}oxan-4-yl]propanamide
4 water water
#
_entity_poly.entity_id   1
_entity_poly.type   'polypeptide(L)'
_entity_poly.pdbx_seq_one_letter_code
;MVSLDLPLDPLWEFPRDRLVLGKPLGEGCFGQVVRAEAFGMDPARPDQASTVAVKMLKDNASDKDLADLVSEMEVMKLIG
RHKNIINLLGVCTQEGPLYVIVECAAKGNLREFLRARRPPGSSEGPLSFPVLVSCAYQVARGMQYLESRKCIHRDLAARN
VLVTEDNVMKIADFGLARGVHHIDYYKKTSNGRLPVKWMAPEALFDRVYTHQSDVWSFGILLWEIFTLGGSPYPGIPVEE
LFSLLREGHRMDRPPHCPPELYGLMRECWHAAPSQRPTFKQLVEALDKVLLAVSHHHHHH
;
_entity_poly.pdbx_strand_id   A
#
loop_
_chem_comp.id
_chem_comp.type
_chem_comp.name
_chem_comp.formula
SO4 non-polymer 'SULFATE ION' 'O4 S -2'
XL9 non-polymer N-[(3S,4S)-3-{[6-(2,6-dichloro-3,5-dimethoxyphenyl)quinazolin-2-yl]amino}oxan-4-yl]propanamide 'C24 H26 Cl2 N4 O4'
#
# COMPACT_ATOMS: atom_id res chain seq x y z
N ASP A 5 -24.73 -5.19 -17.74
CA ASP A 5 -24.84 -4.00 -18.64
C ASP A 5 -24.54 -2.73 -17.83
N LEU A 6 -23.34 -2.17 -17.97
CA LEU A 6 -22.84 -1.01 -17.18
C LEU A 6 -22.71 0.23 -18.05
N PRO A 7 -22.81 1.45 -17.48
CA PRO A 7 -22.57 2.68 -18.22
C PRO A 7 -21.20 2.73 -18.88
N LEU A 8 -21.09 3.48 -19.97
CA LEU A 8 -19.82 3.75 -20.70
C LEU A 8 -19.26 5.07 -20.16
N ASP A 9 -18.25 5.02 -19.29
CA ASP A 9 -17.63 6.25 -18.73
C ASP A 9 -16.59 6.75 -19.73
N PRO A 10 -16.87 7.86 -20.46
CA PRO A 10 -15.92 8.38 -21.45
C PRO A 10 -14.57 8.86 -20.89
N LEU A 11 -14.51 9.12 -19.57
CA LEU A 11 -13.23 9.53 -18.91
C LEU A 11 -12.31 8.31 -18.71
N TRP A 12 -12.83 7.07 -18.78
CA TRP A 12 -12.08 5.85 -18.33
C TRP A 12 -12.06 4.67 -19.32
N GLU A 13 -13.07 4.53 -20.19
CA GLU A 13 -13.17 3.39 -21.13
C GLU A 13 -11.94 3.34 -22.04
N PHE A 14 -11.38 2.17 -22.18
CA PHE A 14 -10.14 1.89 -22.94
C PHE A 14 -10.45 0.73 -23.87
N PRO A 15 -9.97 0.73 -25.13
CA PRO A 15 -10.44 -0.27 -26.10
C PRO A 15 -9.93 -1.66 -25.70
N ARG A 16 -10.86 -2.61 -25.59
CA ARG A 16 -10.63 -4.02 -25.19
C ARG A 16 -9.62 -4.70 -26.12
N ASP A 17 -9.52 -4.26 -27.37
CA ASP A 17 -8.58 -4.82 -28.39
C ASP A 17 -7.23 -4.09 -28.39
N ARG A 18 -6.99 -3.17 -27.45
CA ARG A 18 -5.65 -2.55 -27.19
C ARG A 18 -5.03 -3.17 -25.93
N LEU A 19 -5.69 -4.20 -25.40
CA LEU A 19 -5.29 -4.86 -24.14
C LEU A 19 -5.00 -6.33 -24.44
N VAL A 20 -3.70 -6.67 -24.47
CA VAL A 20 -3.18 -8.06 -24.69
C VAL A 20 -2.85 -8.67 -23.33
N LEU A 21 -3.73 -9.56 -22.86
CA LEU A 21 -3.63 -10.25 -21.55
C LEU A 21 -2.43 -11.21 -21.56
N GLY A 22 -1.90 -11.48 -20.37
CA GLY A 22 -0.69 -12.31 -20.12
C GLY A 22 -0.87 -13.23 -18.92
N LYS A 23 0.21 -13.44 -18.16
CA LYS A 23 0.26 -14.53 -17.15
C LYS A 23 -0.49 -14.06 -15.90
N PRO A 24 -1.21 -14.96 -15.20
CA PRO A 24 -1.78 -14.63 -13.89
C PRO A 24 -0.75 -14.12 -12.86
N LEU A 25 -1.19 -13.18 -12.02
CA LEU A 25 -0.40 -12.59 -10.92
C LEU A 25 -0.94 -13.06 -9.57
N GLY A 26 -2.23 -13.40 -9.46
CA GLY A 26 -2.84 -13.88 -8.20
C GLY A 26 -4.26 -14.40 -8.42
N GLU A 27 -4.63 -15.50 -7.77
CA GLU A 27 -5.95 -16.18 -7.91
C GLU A 27 -6.85 -15.79 -6.73
N GLY A 28 -8.06 -16.35 -6.65
CA GLY A 28 -9.02 -16.10 -5.56
C GLY A 28 -10.00 -17.25 -5.39
N GLN A 32 -9.59 -12.94 -10.19
CA GLN A 32 -8.26 -13.13 -10.82
C GLN A 32 -7.65 -11.77 -11.17
N VAL A 33 -6.32 -11.67 -11.13
CA VAL A 33 -5.54 -10.52 -11.64
C VAL A 33 -4.49 -11.05 -12.62
N VAL A 34 -4.36 -10.39 -13.75
CA VAL A 34 -3.56 -10.84 -14.91
C VAL A 34 -2.68 -9.67 -15.32
N ARG A 35 -1.39 -9.89 -15.60
N ARG A 35 -1.40 -9.94 -15.63
CA ARG A 35 -0.55 -8.83 -16.22
CA ARG A 35 -0.50 -8.97 -16.27
C ARG A 35 -0.88 -8.81 -17.70
C ARG A 35 -0.98 -8.78 -17.71
N ALA A 36 -0.62 -7.68 -18.39
CA ALA A 36 -1.07 -7.40 -19.77
C ALA A 36 -0.25 -6.28 -20.38
N GLU A 37 -0.13 -6.27 -21.70
CA GLU A 37 0.46 -5.14 -22.45
C GLU A 37 -0.73 -4.29 -22.90
N ALA A 38 -0.65 -2.98 -22.64
CA ALA A 38 -1.65 -1.98 -23.07
C ALA A 38 -1.00 -1.09 -24.14
N PHE A 39 -1.70 -0.85 -25.24
CA PHE A 39 -1.18 0.01 -26.34
C PHE A 39 -1.85 1.38 -26.25
N GLY A 40 -1.06 2.40 -25.91
CA GLY A 40 -1.48 3.81 -25.82
C GLY A 40 -2.30 4.10 -24.58
N MET A 41 -1.86 3.60 -23.41
CA MET A 41 -2.37 3.98 -22.07
C MET A 41 -2.09 5.46 -21.86
N ASP A 42 -0.97 5.94 -22.41
CA ASP A 42 -0.60 7.38 -22.51
C ASP A 42 -1.09 7.84 -23.87
N PRO A 43 -2.26 8.50 -24.00
CA PRO A 43 -2.67 9.07 -25.29
C PRO A 43 -1.71 10.11 -25.90
N ALA A 44 -0.69 10.60 -25.16
CA ALA A 44 0.44 11.43 -25.67
C ALA A 44 1.66 10.57 -26.06
N ARG A 45 1.43 9.33 -26.49
CA ARG A 45 2.41 8.42 -27.15
C ARG A 45 1.65 7.15 -27.52
N PRO A 46 0.57 7.26 -28.34
CA PRO A 46 -0.46 6.22 -28.49
C PRO A 46 -0.10 4.87 -29.14
N ASP A 47 1.13 4.71 -29.64
CA ASP A 47 1.65 3.41 -30.13
C ASP A 47 2.51 2.80 -29.01
N GLN A 48 3.18 3.64 -28.19
CA GLN A 48 3.93 3.22 -26.96
C GLN A 48 3.12 2.16 -26.20
N ALA A 49 3.77 1.05 -25.81
CA ALA A 49 3.17 -0.04 -25.01
C ALA A 49 3.68 0.05 -23.58
N SER A 50 2.98 -0.59 -22.64
CA SER A 50 3.30 -0.49 -21.21
C SER A 50 2.75 -1.74 -20.55
N THR A 51 3.39 -2.16 -19.46
CA THR A 51 2.92 -3.31 -18.67
C THR A 51 1.91 -2.80 -17.65
N VAL A 52 0.80 -3.49 -17.49
CA VAL A 52 -0.25 -3.07 -16.54
C VAL A 52 -0.80 -4.32 -15.91
N ALA A 53 -1.62 -4.13 -14.90
CA ALA A 53 -2.23 -5.23 -14.15
C ALA A 53 -3.73 -5.08 -14.39
N VAL A 54 -4.45 -6.18 -14.50
CA VAL A 54 -5.86 -6.17 -14.94
C VAL A 54 -6.64 -7.07 -14.00
N LYS A 55 -7.60 -6.50 -13.28
CA LYS A 55 -8.48 -7.29 -12.38
C LYS A 55 -9.77 -7.58 -13.12
N MET A 56 -10.28 -8.78 -12.91
CA MET A 56 -11.47 -9.30 -13.62
C MET A 56 -12.03 -10.40 -12.74
N LEU A 57 -13.28 -10.79 -12.99
CA LEU A 57 -14.01 -11.85 -12.26
C LEU A 57 -13.58 -13.23 -12.80
N LYS A 58 -13.50 -14.22 -11.91
CA LYS A 58 -13.48 -15.68 -12.24
C LYS A 58 -14.93 -16.09 -12.53
N ASP A 59 -15.11 -17.02 -13.47
CA ASP A 59 -16.41 -17.57 -13.98
C ASP A 59 -17.32 -18.03 -12.82
N ASN A 60 -16.73 -18.38 -11.66
CA ASN A 60 -17.44 -18.93 -10.47
C ASN A 60 -18.17 -17.85 -9.65
N ALA A 61 -18.30 -16.60 -10.15
CA ALA A 61 -18.57 -15.37 -9.35
C ALA A 61 -20.06 -14.98 -9.35
N SER A 62 -20.58 -14.57 -8.19
CA SER A 62 -22.02 -14.29 -7.91
C SER A 62 -22.40 -12.86 -8.37
N ASP A 63 -23.70 -12.53 -8.30
CA ASP A 63 -24.24 -11.16 -8.56
C ASP A 63 -23.41 -10.17 -7.72
N LYS A 64 -23.11 -10.52 -6.46
CA LYS A 64 -22.48 -9.63 -5.44
C LYS A 64 -21.00 -9.38 -5.76
N ASP A 65 -20.26 -10.40 -6.20
CA ASP A 65 -18.82 -10.31 -6.55
C ASP A 65 -18.62 -9.23 -7.63
N LEU A 66 -19.53 -9.13 -8.60
CA LEU A 66 -19.55 -8.07 -9.66
C LEU A 66 -19.71 -6.68 -8.98
N ALA A 67 -20.62 -6.54 -8.02
CA ALA A 67 -20.92 -5.29 -7.28
C ALA A 67 -19.65 -4.74 -6.62
N ASP A 68 -18.86 -5.63 -6.02
CA ASP A 68 -17.62 -5.31 -5.25
C ASP A 68 -16.54 -4.80 -6.22
N LEU A 69 -16.37 -5.46 -7.37
CA LEU A 69 -15.40 -5.00 -8.39
C LEU A 69 -15.88 -3.66 -8.96
N VAL A 70 -17.20 -3.47 -9.16
CA VAL A 70 -17.74 -2.17 -9.66
C VAL A 70 -17.40 -1.07 -8.64
N SER A 71 -17.66 -1.30 -7.36
CA SER A 71 -17.50 -0.24 -6.32
C SER A 71 -16.01 0.11 -6.19
N GLU A 72 -15.12 -0.88 -6.22
CA GLU A 72 -13.66 -0.64 -6.21
C GLU A 72 -13.24 0.24 -7.42
N MET A 73 -13.69 -0.10 -8.61
CA MET A 73 -13.43 0.71 -9.81
C MET A 73 -13.96 2.14 -9.56
N GLU A 74 -15.20 2.25 -9.10
CA GLU A 74 -15.81 3.57 -8.82
C GLU A 74 -15.03 4.33 -7.73
N VAL A 75 -14.57 3.67 -6.66
CA VAL A 75 -13.84 4.42 -5.59
CA VAL A 75 -13.81 4.34 -5.55
C VAL A 75 -12.49 4.87 -6.13
N MET A 76 -11.84 4.07 -6.96
CA MET A 76 -10.52 4.44 -7.52
C MET A 76 -10.67 5.66 -8.44
N LYS A 77 -11.73 5.71 -9.26
CA LYS A 77 -12.06 6.92 -10.07
C LYS A 77 -12.16 8.16 -9.18
N LEU A 78 -12.94 8.04 -8.10
CA LEU A 78 -13.25 9.17 -7.21
C LEU A 78 -12.00 9.62 -6.45
N ILE A 79 -11.17 8.70 -5.95
CA ILE A 79 -9.95 9.07 -5.16
C ILE A 79 -8.97 9.83 -6.07
N GLY A 80 -8.87 9.42 -7.35
CA GLY A 80 -8.02 10.14 -8.30
C GLY A 80 -6.54 9.78 -8.15
N ARG A 81 -5.68 10.48 -8.86
CA ARG A 81 -4.27 10.11 -9.12
C ARG A 81 -3.30 10.66 -8.06
N HIS A 82 -2.32 9.87 -7.71
CA HIS A 82 -1.14 10.32 -6.91
C HIS A 82 0.03 9.41 -7.25
N LYS A 83 1.22 9.95 -7.13
CA LYS A 83 2.49 9.25 -7.40
C LYS A 83 2.65 8.03 -6.48
N ASN A 84 2.15 8.09 -5.23
CA ASN A 84 2.47 7.09 -4.19
C ASN A 84 1.28 6.19 -3.89
N ILE A 85 0.39 5.99 -4.86
CA ILE A 85 -0.66 4.94 -4.80
C ILE A 85 -0.67 4.20 -6.14
N ILE A 86 -1.26 3.02 -6.15
CA ILE A 86 -1.53 2.29 -7.41
C ILE A 86 -2.70 2.99 -8.11
N ASN A 87 -2.45 3.59 -9.26
CA ASN A 87 -3.45 4.42 -9.95
C ASN A 87 -4.27 3.55 -10.88
N LEU A 88 -5.57 3.86 -10.96
CA LEU A 88 -6.47 3.36 -12.03
C LEU A 88 -6.01 3.95 -13.37
N LEU A 89 -5.94 3.16 -14.44
CA LEU A 89 -5.49 3.66 -15.76
C LEU A 89 -6.63 3.58 -16.78
N GLY A 90 -7.51 2.60 -16.65
CA GLY A 90 -8.61 2.48 -17.60
C GLY A 90 -9.48 1.31 -17.26
N VAL A 91 -10.61 1.18 -17.96
CA VAL A 91 -11.59 0.10 -17.73
C VAL A 91 -12.10 -0.40 -19.09
N CYS A 92 -12.57 -1.64 -19.12
CA CYS A 92 -13.31 -2.26 -20.25
C CYS A 92 -14.61 -2.76 -19.65
N THR A 93 -15.71 -2.07 -19.96
CA THR A 93 -17.06 -2.31 -19.36
C THR A 93 -18.05 -2.78 -20.44
N GLN A 94 -17.68 -2.74 -21.73
CA GLN A 94 -18.64 -2.82 -22.87
C GLN A 94 -18.45 -4.12 -23.65
N GLU A 95 -19.55 -4.81 -23.96
CA GLU A 95 -19.60 -5.97 -24.90
C GLU A 95 -18.43 -6.89 -24.54
N GLY A 96 -18.48 -7.48 -23.33
CA GLY A 96 -17.41 -8.36 -22.80
C GLY A 96 -17.20 -8.22 -21.30
N PRO A 97 -16.33 -9.05 -20.70
CA PRO A 97 -16.17 -9.11 -19.25
C PRO A 97 -15.55 -7.81 -18.69
N LEU A 98 -15.87 -7.50 -17.44
CA LEU A 98 -15.42 -6.26 -16.77
C LEU A 98 -13.93 -6.39 -16.48
N TYR A 99 -13.15 -5.47 -17.04
CA TYR A 99 -11.70 -5.32 -16.77
C TYR A 99 -11.45 -3.97 -16.07
N VAL A 100 -10.75 -4.02 -14.92
CA VAL A 100 -10.22 -2.82 -14.21
C VAL A 100 -8.69 -2.82 -14.36
N ILE A 101 -8.17 -1.83 -15.04
CA ILE A 101 -6.73 -1.75 -15.43
C ILE A 101 -6.03 -0.77 -14.51
N VAL A 102 -4.93 -1.19 -13.89
CA VAL A 102 -4.17 -0.34 -12.95
C VAL A 102 -2.67 -0.48 -13.22
N GLU A 103 -1.89 0.42 -12.62
CA GLU A 103 -0.42 0.40 -12.65
C GLU A 103 0.12 -0.97 -12.20
N CYS A 104 1.16 -1.45 -12.90
CA CYS A 104 1.93 -2.67 -12.56
C CYS A 104 3.29 -2.21 -12.04
N ALA A 105 3.69 -2.68 -10.85
CA ALA A 105 4.96 -2.33 -10.18
C ALA A 105 5.90 -3.53 -10.29
N ALA A 106 7.07 -3.34 -10.90
CA ALA A 106 7.93 -4.45 -11.37
C ALA A 106 8.53 -5.22 -10.18
N LYS A 107 8.81 -4.55 -9.05
CA LYS A 107 9.64 -5.11 -7.94
C LYS A 107 8.79 -5.65 -6.77
N GLY A 108 7.50 -5.89 -6.96
CA GLY A 108 6.66 -6.58 -5.96
C GLY A 108 6.48 -5.72 -4.72
N ASN A 109 6.03 -6.33 -3.62
CA ASN A 109 5.65 -5.62 -2.38
C ASN A 109 6.90 -5.22 -1.57
N LEU A 110 6.73 -4.26 -0.66
CA LEU A 110 7.85 -3.59 0.06
C LEU A 110 8.47 -4.57 1.05
N ARG A 111 7.70 -5.49 1.64
CA ARG A 111 8.25 -6.57 2.51
C ARG A 111 9.28 -7.37 1.71
N GLU A 112 8.93 -7.84 0.51
CA GLU A 112 9.84 -8.71 -0.29
C GLU A 112 11.01 -7.88 -0.81
N PHE A 113 10.76 -6.65 -1.19
CA PHE A 113 11.82 -5.75 -1.70
C PHE A 113 12.94 -5.67 -0.65
N LEU A 114 12.57 -5.48 0.61
CA LEU A 114 13.52 -5.28 1.72
C LEU A 114 14.19 -6.62 2.09
N ARG A 115 13.42 -7.68 2.35
CA ARG A 115 13.97 -9.02 2.66
C ARG A 115 15.05 -9.39 1.62
N ALA A 116 14.70 -9.40 0.33
CA ALA A 116 15.62 -9.70 -0.81
C ALA A 116 16.86 -8.81 -0.78
N ARG A 117 16.85 -7.61 -0.16
CA ARG A 117 18.02 -6.69 -0.11
C ARG A 117 18.71 -6.72 1.29
N ARG A 118 18.47 -7.77 2.09
CA ARG A 118 19.27 -8.02 3.31
C ARG A 118 20.72 -8.32 2.94
N PRO A 119 21.70 -7.61 3.55
CA PRO A 119 23.09 -8.05 3.48
C PRO A 119 23.26 -9.34 4.28
N PRO A 120 24.27 -10.18 3.96
CA PRO A 120 24.67 -11.26 4.85
C PRO A 120 25.27 -10.77 6.18
N GLY A 121 24.71 -11.23 7.31
CA GLY A 121 25.17 -10.97 8.71
C GLY A 121 25.37 -9.49 9.00
N SER A 122 26.61 -9.07 9.29
CA SER A 122 26.98 -7.72 9.79
C SER A 122 27.39 -6.79 8.65
N SER A 123 27.38 -7.22 7.39
CA SER A 123 27.89 -6.43 6.23
C SER A 123 26.88 -5.34 5.83
N GLU A 124 27.36 -4.27 5.19
CA GLU A 124 26.56 -3.14 4.62
C GLU A 124 25.83 -3.66 3.37
N GLY A 125 24.51 -3.43 3.30
CA GLY A 125 23.61 -3.84 2.20
C GLY A 125 23.31 -2.68 1.28
N PRO A 126 22.73 -2.91 0.09
CA PRO A 126 22.55 -1.85 -0.88
C PRO A 126 21.57 -0.75 -0.44
N LEU A 127 20.79 -0.96 0.64
CA LEU A 127 19.74 0.00 1.09
C LEU A 127 20.28 0.88 2.21
N SER A 128 20.60 2.13 1.90
CA SER A 128 21.14 3.12 2.85
C SER A 128 20.03 3.71 3.73
N PHE A 129 20.40 4.27 4.87
CA PHE A 129 19.50 5.08 5.71
C PHE A 129 18.61 6.00 4.85
N PRO A 130 19.14 6.91 3.98
CA PRO A 130 18.28 7.80 3.20
C PRO A 130 17.27 7.09 2.30
N VAL A 131 17.63 5.95 1.73
CA VAL A 131 16.71 5.21 0.82
C VAL A 131 15.56 4.69 1.68
N LEU A 132 15.88 4.21 2.87
CA LEU A 132 14.89 3.63 3.81
C LEU A 132 13.95 4.72 4.33
N VAL A 133 14.48 5.87 4.72
CA VAL A 133 13.67 7.05 5.15
C VAL A 133 12.79 7.53 3.99
N SER A 134 13.32 7.51 2.77
CA SER A 134 12.61 7.88 1.54
C SER A 134 11.41 6.95 1.34
N CYS A 135 11.60 5.64 1.54
CA CYS A 135 10.50 4.64 1.49
C CYS A 135 9.39 5.09 2.43
N ALA A 136 9.75 5.41 3.66
CA ALA A 136 8.76 5.76 4.71
C ALA A 136 8.09 7.09 4.32
N TYR A 137 8.87 8.03 3.78
CA TYR A 137 8.38 9.36 3.37
C TYR A 137 7.29 9.17 2.31
N GLN A 138 7.58 8.33 1.33
CA GLN A 138 6.69 8.10 0.15
C GLN A 138 5.39 7.43 0.62
N VAL A 139 5.50 6.46 1.53
CA VAL A 139 4.29 5.81 2.12
C VAL A 139 3.49 6.88 2.90
N ALA A 140 4.15 7.76 3.64
CA ALA A 140 3.41 8.77 4.44
C ALA A 140 2.69 9.75 3.48
N ARG A 141 3.32 10.14 2.38
CA ARG A 141 2.73 11.07 1.39
C ARG A 141 1.53 10.39 0.72
N GLY A 142 1.67 9.10 0.37
CA GLY A 142 0.56 8.32 -0.20
C GLY A 142 -0.62 8.31 0.75
N MET A 143 -0.35 8.14 2.05
CA MET A 143 -1.45 7.98 3.04
C MET A 143 -2.09 9.34 3.27
N GLN A 144 -1.31 10.40 3.33
CA GLN A 144 -1.82 11.79 3.47
C GLN A 144 -2.75 12.09 2.28
N TYR A 145 -2.34 11.70 1.09
CA TYR A 145 -3.21 11.88 -0.08
C TYR A 145 -4.51 11.10 0.15
N LEU A 146 -4.44 9.79 0.44
CA LEU A 146 -5.67 8.96 0.56
C LEU A 146 -6.58 9.52 1.65
N GLU A 147 -6.00 10.03 2.73
CA GLU A 147 -6.74 10.62 3.87
C GLU A 147 -7.47 11.88 3.39
N SER A 148 -6.82 12.70 2.56
CA SER A 148 -7.39 13.95 2.02
C SER A 148 -8.58 13.61 1.09
N ARG A 149 -8.69 12.39 0.61
CA ARG A 149 -9.83 11.95 -0.26
C ARG A 149 -10.76 11.02 0.52
N LYS A 150 -10.69 11.06 1.85
CA LYS A 150 -11.64 10.38 2.78
C LYS A 150 -11.50 8.86 2.66
N CYS A 151 -10.30 8.36 2.36
CA CYS A 151 -10.03 6.91 2.28
C CYS A 151 -9.30 6.47 3.55
N ILE A 152 -9.92 5.60 4.33
CA ILE A 152 -9.28 4.82 5.42
C ILE A 152 -8.78 3.49 4.83
N HIS A 153 -7.49 3.16 4.97
CA HIS A 153 -6.91 1.93 4.38
C HIS A 153 -7.38 0.70 5.16
N ARG A 154 -7.21 0.67 6.47
CA ARG A 154 -7.69 -0.44 7.35
C ARG A 154 -6.68 -1.61 7.33
N ASP A 155 -5.72 -1.67 6.40
CA ASP A 155 -4.76 -2.80 6.34
C ASP A 155 -3.40 -2.32 5.80
N LEU A 156 -2.86 -1.25 6.36
CA LEU A 156 -1.55 -0.71 5.91
C LEU A 156 -0.43 -1.58 6.50
N ALA A 157 0.44 -2.08 5.63
CA ALA A 157 1.55 -2.98 6.00
C ALA A 157 2.49 -3.04 4.79
N ALA A 158 3.73 -3.45 5.01
CA ALA A 158 4.74 -3.46 3.94
C ALA A 158 4.28 -4.37 2.80
N ARG A 159 3.51 -5.42 3.09
CA ARG A 159 3.00 -6.36 2.05
C ARG A 159 1.98 -5.62 1.15
N ASN A 160 1.36 -4.53 1.63
CA ASN A 160 0.32 -3.77 0.89
C ASN A 160 0.91 -2.45 0.36
N VAL A 161 2.23 -2.38 0.19
CA VAL A 161 2.90 -1.30 -0.55
C VAL A 161 3.68 -1.98 -1.67
N LEU A 162 3.60 -1.46 -2.89
CA LEU A 162 4.30 -2.05 -4.04
C LEU A 162 5.41 -1.10 -4.46
N VAL A 163 6.38 -1.59 -5.22
CA VAL A 163 7.63 -0.86 -5.54
C VAL A 163 7.81 -0.84 -7.05
N THR A 164 8.06 0.32 -7.65
CA THR A 164 8.16 0.44 -9.13
C THR A 164 9.59 0.07 -9.54
N GLU A 165 9.82 -0.04 -10.85
CA GLU A 165 11.16 -0.20 -11.45
C GLU A 165 12.07 0.93 -10.95
N ASP A 166 11.55 2.13 -10.71
CA ASP A 166 12.34 3.29 -10.20
C ASP A 166 12.27 3.38 -8.66
N ASN A 167 11.89 2.32 -7.94
CA ASN A 167 11.89 2.34 -6.44
C ASN A 167 10.97 3.42 -5.86
N VAL A 168 9.83 3.68 -6.53
CA VAL A 168 8.74 4.57 -6.02
C VAL A 168 7.80 3.70 -5.20
N MET A 169 7.36 4.16 -4.03
CA MET A 169 6.41 3.36 -3.21
C MET A 169 4.99 3.70 -3.67
N LYS A 170 4.13 2.69 -3.76
CA LYS A 170 2.74 2.87 -4.21
C LYS A 170 1.85 2.08 -3.28
N ILE A 171 1.01 2.73 -2.49
CA ILE A 171 0.03 2.03 -1.61
CA ILE A 171 0.07 2.00 -1.60
C ILE A 171 -0.88 1.19 -2.50
N ALA A 172 -1.13 -0.06 -2.11
CA ALA A 172 -2.02 -1.02 -2.80
C ALA A 172 -3.25 -1.26 -1.94
N ASP A 173 -4.28 -1.88 -2.54
CA ASP A 173 -5.52 -2.43 -1.89
C ASP A 173 -6.18 -1.40 -0.97
N PHE A 174 -6.22 -0.13 -1.37
CA PHE A 174 -6.96 0.96 -0.68
C PHE A 174 -8.39 1.09 -1.23
N GLY A 175 -8.72 0.40 -2.33
CA GLY A 175 -10.06 0.46 -2.95
C GLY A 175 -11.14 -0.17 -2.07
N LEU A 176 -11.05 -1.47 -1.80
CA LEU A 176 -12.06 -2.28 -1.07
C LEU A 176 -12.32 -1.66 0.29
N PRO A 195 -4.37 -10.03 10.59
CA PRO A 195 -3.40 -8.92 10.45
C PRO A 195 -3.40 -8.12 11.76
N VAL A 196 -3.59 -8.87 12.84
CA VAL A 196 -3.77 -8.35 14.23
C VAL A 196 -2.54 -7.53 14.68
N LYS A 197 -1.34 -7.86 14.19
CA LYS A 197 -0.06 -7.23 14.62
C LYS A 197 0.12 -5.83 14.00
N TRP A 198 -0.75 -5.44 13.06
CA TRP A 198 -0.79 -4.11 12.40
C TRP A 198 -1.94 -3.24 12.91
N MET A 199 -2.84 -3.78 13.74
CA MET A 199 -4.12 -3.10 14.03
C MET A 199 -4.01 -2.28 15.31
N ALA A 200 -4.55 -1.07 15.27
CA ALA A 200 -4.62 -0.21 16.45
C ALA A 200 -5.52 -0.88 17.47
N PRO A 201 -5.29 -0.62 18.79
CA PRO A 201 -6.10 -1.22 19.84
C PRO A 201 -7.61 -0.97 19.57
N GLU A 202 -8.04 0.26 19.24
CA GLU A 202 -9.48 0.59 19.01
C GLU A 202 -10.04 -0.26 17.85
N ALA A 203 -9.20 -0.68 16.90
CA ALA A 203 -9.62 -1.51 15.74
C ALA A 203 -9.70 -2.98 16.18
N LEU A 204 -8.80 -3.41 17.06
CA LEU A 204 -8.80 -4.81 17.58
C LEU A 204 -10.06 -5.05 18.42
N PHE A 205 -10.29 -4.23 19.44
CA PHE A 205 -11.30 -4.47 20.49
C PHE A 205 -12.64 -3.87 20.02
N ASP A 206 -12.67 -2.61 19.56
CA ASP A 206 -13.94 -1.89 19.24
C ASP A 206 -14.29 -1.95 17.74
N ARG A 207 -13.50 -2.59 16.87
CA ARG A 207 -13.82 -2.71 15.43
C ARG A 207 -13.97 -1.27 14.85
N VAL A 208 -13.21 -0.30 15.40
CA VAL A 208 -13.23 1.15 15.03
C VAL A 208 -12.00 1.42 14.16
N TYR A 209 -12.20 1.88 12.93
CA TYR A 209 -11.14 2.23 11.96
C TYR A 209 -11.23 3.73 11.65
N THR A 210 -10.15 4.45 11.93
CA THR A 210 -10.05 5.89 11.61
C THR A 210 -8.71 6.12 10.94
N HIS A 211 -8.47 7.36 10.54
CA HIS A 211 -7.16 7.84 10.05
C HIS A 211 -6.09 7.55 11.09
N GLN A 212 -6.41 7.72 12.37
CA GLN A 212 -5.44 7.55 13.48
C GLN A 212 -5.14 6.05 13.68
N SER A 213 -6.11 5.16 13.43
CA SER A 213 -5.90 3.69 13.32
C SER A 213 -4.83 3.43 12.26
N ASP A 214 -4.99 4.03 11.08
CA ASP A 214 -3.99 3.90 9.99
C ASP A 214 -2.62 4.37 10.48
N VAL A 215 -2.56 5.40 11.34
CA VAL A 215 -1.26 5.93 11.82
C VAL A 215 -0.59 4.85 12.67
N TRP A 216 -1.35 4.13 13.49
CA TRP A 216 -0.77 3.00 14.28
C TRP A 216 -0.10 2.06 13.28
N SER A 217 -0.81 1.64 12.25
CA SER A 217 -0.31 0.69 11.25
C SER A 217 0.97 1.24 10.62
N PHE A 218 1.02 2.54 10.37
CA PHE A 218 2.19 3.17 9.70
C PHE A 218 3.41 3.00 10.61
N GLY A 219 3.21 3.19 11.92
CA GLY A 219 4.28 2.94 12.92
C GLY A 219 4.85 1.55 12.77
N ILE A 220 3.96 0.56 12.65
CA ILE A 220 4.35 -0.86 12.49
C ILE A 220 5.11 -1.02 11.17
N LEU A 221 4.62 -0.38 10.10
CA LEU A 221 5.27 -0.44 8.76
C LEU A 221 6.64 0.22 8.84
N LEU A 222 6.79 1.28 9.63
CA LEU A 222 8.11 1.93 9.82
C LEU A 222 9.06 0.93 10.50
N TRP A 223 8.58 0.21 11.51
CA TRP A 223 9.40 -0.84 12.17
C TRP A 223 9.80 -1.85 11.10
N GLU A 224 8.85 -2.28 10.27
CA GLU A 224 9.13 -3.28 9.20
C GLU A 224 10.25 -2.75 8.31
N ILE A 225 10.28 -1.45 8.03
CA ILE A 225 11.27 -0.88 7.07
C ILE A 225 12.67 -0.96 7.70
N PHE A 226 12.78 -0.58 8.97
CA PHE A 226 14.10 -0.48 9.64
C PHE A 226 14.57 -1.85 10.14
N THR A 227 13.76 -2.91 10.03
CA THR A 227 14.20 -4.32 10.22
C THR A 227 14.35 -5.03 8.88
N LEU A 228 14.29 -4.30 7.77
CA LEU A 228 14.39 -4.83 6.38
C LEU A 228 13.36 -5.95 6.14
N GLY A 229 12.13 -5.76 6.61
CA GLY A 229 11.02 -6.68 6.35
C GLY A 229 10.87 -7.70 7.47
N GLY A 230 11.12 -7.28 8.71
CA GLY A 230 10.91 -8.10 9.91
C GLY A 230 9.44 -8.37 10.18
N SER A 231 9.16 -9.54 10.79
CA SER A 231 7.86 -9.94 11.37
C SER A 231 7.72 -9.26 12.74
N PRO A 232 6.71 -8.38 12.89
CA PRO A 232 6.59 -7.61 14.12
C PRO A 232 6.25 -8.49 15.34
N TYR A 233 6.50 -7.97 16.54
CA TYR A 233 6.39 -8.71 17.81
C TYR A 233 6.95 -10.11 17.64
N PRO A 234 8.25 -10.23 17.31
CA PRO A 234 8.81 -11.51 16.88
C PRO A 234 8.97 -12.43 18.10
N GLY A 235 8.65 -13.72 17.91
CA GLY A 235 8.43 -14.69 18.99
C GLY A 235 7.01 -14.56 19.50
N ILE A 236 6.76 -13.52 20.28
CA ILE A 236 5.47 -13.23 20.99
C ILE A 236 4.31 -13.86 20.23
N PRO A 237 3.60 -14.85 20.85
CA PRO A 237 2.39 -15.43 20.26
C PRO A 237 1.23 -14.44 20.06
N VAL A 238 0.52 -14.60 18.92
CA VAL A 238 -0.62 -13.74 18.48
C VAL A 238 -1.71 -13.64 19.56
N GLU A 239 -1.57 -14.33 20.70
CA GLU A 239 -2.58 -14.34 21.80
C GLU A 239 -2.07 -13.57 23.03
N GLU A 240 -0.76 -13.32 23.15
CA GLU A 240 -0.17 -12.60 24.32
C GLU A 240 -0.13 -11.09 24.04
N LEU A 241 -0.12 -10.71 22.75
CA LEU A 241 0.00 -9.32 22.23
C LEU A 241 -0.93 -8.37 22.97
N PHE A 242 -2.21 -8.70 23.02
CA PHE A 242 -3.27 -7.76 23.49
C PHE A 242 -2.93 -7.31 24.89
N SER A 243 -2.50 -8.29 25.70
CA SER A 243 -2.15 -8.06 27.11
C SER A 243 -0.87 -7.20 27.15
N LEU A 244 0.12 -7.52 26.32
CA LEU A 244 1.37 -6.69 26.26
C LEU A 244 1.00 -5.25 25.90
N LEU A 245 0.13 -5.03 24.91
CA LEU A 245 -0.26 -3.65 24.51
C LEU A 245 -1.00 -2.97 25.66
N ARG A 246 -1.92 -3.70 26.28
CA ARG A 246 -2.73 -3.20 27.44
C ARG A 246 -1.80 -2.79 28.58
N GLU A 247 -0.75 -3.57 28.89
CA GLU A 247 0.23 -3.27 29.99
C GLU A 247 1.14 -2.10 29.55
N GLY A 248 1.08 -1.70 28.26
CA GLY A 248 1.80 -0.52 27.73
C GLY A 248 3.14 -0.91 27.11
N HIS A 249 3.34 -2.18 26.77
CA HIS A 249 4.54 -2.69 26.04
C HIS A 249 4.40 -2.42 24.53
N ARG A 250 5.53 -2.16 23.87
CA ARG A 250 5.70 -1.95 22.41
C ARG A 250 7.01 -2.60 21.95
N MET A 251 7.18 -2.80 20.65
CA MET A 251 8.43 -3.37 20.11
C MET A 251 9.58 -2.45 20.48
N ASP A 252 10.74 -3.05 20.71
CA ASP A 252 11.99 -2.33 21.06
C ASP A 252 12.54 -1.71 19.78
N ARG A 253 13.37 -0.70 19.95
CA ARG A 253 14.19 -0.10 18.87
C ARG A 253 14.94 -1.23 18.18
N PRO A 254 14.82 -1.39 16.85
CA PRO A 254 15.62 -2.38 16.14
C PRO A 254 17.07 -1.96 15.96
N PRO A 255 18.00 -2.92 15.76
CA PRO A 255 19.43 -2.59 15.66
C PRO A 255 19.66 -1.56 14.54
N HIS A 256 20.46 -0.55 14.83
CA HIS A 256 20.96 0.49 13.88
C HIS A 256 19.87 1.50 13.52
N CYS A 257 18.70 1.47 14.18
CA CYS A 257 17.61 2.45 13.92
C CYS A 257 17.86 3.69 14.74
N PRO A 258 18.07 4.89 14.14
CA PRO A 258 18.24 6.10 14.94
C PRO A 258 17.09 6.37 15.90
N PRO A 259 17.39 6.98 17.05
CA PRO A 259 16.38 7.34 18.03
C PRO A 259 15.26 8.23 17.48
N GLU A 260 15.57 9.16 16.57
CA GLU A 260 14.56 10.05 15.90
C GLU A 260 13.51 9.14 15.25
N LEU A 261 13.92 8.08 14.55
CA LEU A 261 12.98 7.23 13.78
C LEU A 261 12.18 6.36 14.76
N TYR A 262 12.82 5.81 15.79
CA TYR A 262 12.14 4.97 16.82
C TYR A 262 11.09 5.82 17.54
N GLY A 263 11.42 7.06 17.90
CA GLY A 263 10.48 8.00 18.54
C GLY A 263 9.24 8.24 17.69
N LEU A 264 9.36 8.30 16.36
CA LEU A 264 8.18 8.39 15.45
C LEU A 264 7.36 7.11 15.55
N MET A 265 7.98 5.94 15.46
CA MET A 265 7.26 4.66 15.67
C MET A 265 6.48 4.71 16.98
N ARG A 266 7.14 5.09 18.08
CA ARG A 266 6.50 5.09 19.42
C ARG A 266 5.34 6.08 19.44
N GLU A 267 5.50 7.27 18.83
CA GLU A 267 4.42 8.29 18.79
C GLU A 267 3.25 7.61 18.08
N CYS A 268 3.49 6.83 17.03
CA CYS A 268 2.41 6.18 16.25
C CYS A 268 1.64 5.20 17.16
N TRP A 269 2.29 4.69 18.21
CA TRP A 269 1.78 3.58 19.05
C TRP A 269 1.31 4.09 20.41
N HIS A 270 1.00 5.38 20.56
CA HIS A 270 0.22 5.90 21.72
C HIS A 270 -1.13 5.18 21.73
N ALA A 271 -1.63 4.83 22.89
CA ALA A 271 -2.91 4.11 23.02
C ALA A 271 -4.04 5.02 22.55
N ALA A 272 -4.08 6.27 23.04
CA ALA A 272 -5.07 7.31 22.65
C ALA A 272 -4.81 7.76 21.21
N PRO A 273 -5.80 7.60 20.28
CA PRO A 273 -5.62 7.98 18.87
C PRO A 273 -5.25 9.45 18.68
N SER A 274 -5.82 10.34 19.48
CA SER A 274 -5.65 11.81 19.40
C SER A 274 -4.22 12.21 19.78
N GLN A 275 -3.42 11.31 20.35
CA GLN A 275 -2.03 11.63 20.77
C GLN A 275 -1.04 11.06 19.74
N ARG A 276 -1.53 10.34 18.74
CA ARG A 276 -0.69 9.86 17.62
C ARG A 276 -0.51 11.04 16.68
N PRO A 277 0.62 11.11 15.95
CA PRO A 277 0.78 12.16 14.95
C PRO A 277 -0.22 11.95 13.80
N THR A 278 -0.44 13.00 13.00
CA THR A 278 -1.25 12.94 11.77
C THR A 278 -0.33 12.55 10.63
N PHE A 279 -0.87 12.09 9.50
CA PHE A 279 0.01 11.78 8.35
C PHE A 279 0.75 13.05 7.91
N LYS A 280 0.10 14.20 8.05
CA LYS A 280 0.73 15.50 7.71
C LYS A 280 1.99 15.67 8.54
N GLN A 281 1.92 15.44 9.85
CA GLN A 281 3.08 15.57 10.77
C GLN A 281 4.12 14.49 10.46
N LEU A 282 3.70 13.29 10.07
CA LEU A 282 4.69 12.23 9.71
C LEU A 282 5.45 12.65 8.45
N VAL A 283 4.71 13.18 7.46
CA VAL A 283 5.34 13.73 6.22
C VAL A 283 6.36 14.80 6.60
N GLU A 284 6.02 15.75 7.49
CA GLU A 284 6.96 16.82 7.94
C GLU A 284 8.16 16.23 8.68
N ALA A 285 7.96 15.31 9.62
CA ALA A 285 9.06 14.77 10.45
C ALA A 285 10.07 14.07 9.53
N LEU A 286 9.57 13.23 8.62
CA LEU A 286 10.42 12.39 7.74
C LEU A 286 11.11 13.29 6.71
N ASP A 287 10.39 14.31 6.24
CA ASP A 287 10.93 15.40 5.38
C ASP A 287 12.14 16.02 6.09
N LYS A 288 12.01 16.43 7.36
CA LYS A 288 13.12 17.05 8.15
C LYS A 288 14.34 16.13 8.18
N VAL A 289 14.15 14.82 8.32
CA VAL A 289 15.26 13.83 8.38
C VAL A 289 15.95 13.77 7.02
N LEU A 290 15.18 13.74 5.94
CA LEU A 290 15.76 13.69 4.58
C LEU A 290 16.46 15.00 4.24
N LEU A 291 15.93 16.16 4.65
CA LEU A 291 16.61 17.46 4.46
C LEU A 291 17.95 17.46 5.21
N ALA A 292 18.02 16.88 6.41
CA ALA A 292 19.26 16.80 7.23
C ALA A 292 20.28 15.83 6.61
N VAL A 293 20.00 15.19 5.47
CA VAL A 293 21.00 14.51 4.60
C VAL A 293 21.12 15.28 3.27
S SO4 B . 12.41 -11.99 10.80
O1 SO4 B . 13.54 -11.22 10.34
O2 SO4 B . 11.71 -12.56 9.68
O3 SO4 B . 11.53 -11.13 11.57
O4 SO4 B . 12.88 -13.05 11.65
S SO4 C . 17.76 -2.25 -6.70
O1 SO4 C . 17.35 -0.88 -6.93
O2 SO4 C . 18.88 -2.54 -7.56
O3 SO4 C . 18.15 -2.40 -5.32
O4 SO4 C . 16.69 -3.17 -7.01
S SO4 D . 22.62 0.21 17.92
O1 SO4 D . 22.15 1.10 16.88
O2 SO4 D . 24.02 -0.09 17.66
O3 SO4 D . 22.49 0.88 19.21
O4 SO4 D . 21.86 -1.02 17.93
C1 XL9 E . -5.24 -2.49 -6.63
C2 XL9 E . -4.09 -3.21 -6.88
C3 XL9 E . -4.02 -4.10 -7.96
C4 XL9 E . -5.17 -4.26 -8.74
C5 XL9 E . -6.34 -3.57 -8.49
C6 XL9 E . -6.37 -2.68 -7.43
O1 XL9 E . -5.19 -1.63 -5.57
O2 XL9 E . -7.35 -3.84 -9.36
C7 XL9 E . -6.32 -0.80 -5.32
C8 XL9 E . -8.60 -3.19 -9.23
C9 XL9 E . -2.76 -4.82 -8.22
C10 XL9 E . -1.65 -4.11 -8.63
C11 XL9 E . -0.42 -4.72 -8.85
C12 XL9 E . -0.31 -6.13 -8.72
C13 XL9 E . -1.44 -6.88 -8.35
C14 XL9 E . -2.62 -6.24 -8.08
C15 XL9 E . 0.76 -4.01 -9.20
N1 XL9 E . 1.91 -4.62 -9.37
C16 XL9 E . 1.94 -5.97 -9.24
N2 XL9 E . 0.89 -6.74 -8.95
N3 XL9 E . 3.20 -6.63 -9.45
C17 XL9 E . 3.35 -8.06 -9.69
C18 XL9 E . 4.67 -8.30 -10.41
C19 XL9 E . 5.86 -8.25 -9.45
C20 XL9 E . 5.60 -9.03 -8.18
O3 XL9 E . 4.40 -8.59 -7.56
C21 XL9 E . 3.28 -8.86 -8.40
N4 XL9 E . 4.90 -7.33 -11.48
C22 XL9 E . 4.76 -7.58 -12.78
C23 XL9 E . 5.15 -6.44 -13.69
C24 XL9 E . 4.38 -5.17 -13.43
O4 XL9 E . 4.32 -8.65 -13.20
CL1 XL9 E . -2.68 -2.98 -5.85
CL2 XL9 E . -5.18 -5.33 -10.09
#